data_5LVU
#
_entry.id   5LVU
#
_cell.length_a   166.540
_cell.length_b   166.540
_cell.length_c   98.970
_cell.angle_alpha   90.00
_cell.angle_beta   90.00
_cell.angle_gamma   120.00
#
_symmetry.space_group_name_H-M   'P 62 2 2'
#
loop_
_entity.id
_entity.type
_entity.pdbx_description
1 polymer 'XiaF protein'
2 non-polymer 'SULFATE ION'
3 water water
#
_entity_poly.entity_id   1
_entity_poly.type   'polypeptide(L)'
_entity_poly.pdbx_seq_one_letter_code
;HHHHHHSSGLVPRGSHMTDIRSETAELRAELVERVHKFGPVFADGVAEGERERRLPDATVRAIDQSQLAMLWTAKSYGGL
ETDVRTMSEVAKVLSHYCPSTSWVVNNVNGSNLLASKFPRAALDEVFGDAPGAKLASVFAAAGTAVRTPGGYRLTGSWPY
GTGILHDDWAILVAREVDADGEPVGGLSMLVPARDLTVEDTWHTVGMRATGSHTVVLRDTFVPEHRVISGELQRSRESAT
DLGLPPLFRTAAIAAMAVVCASVVLGAGQAARALVVEKAPTRGIAPSKYTRQTDSRTFVSSLGRTALSIDAAEMHVARAA
TALDDAAYDAVALPDSELLRIRGDVGQAVSLVTTALDELLWAHGAASFAESNPLQRYWRDANTAARHAMLNVHVGHELYG
GSFFGLDPIVPSL
;
_entity_poly.pdbx_strand_id   A
#
# COMPACT_ATOMS: atom_id res chain seq x y z
N ARG A 21 -6.16 2.78 -24.15
CA ARG A 21 -4.88 3.56 -24.08
C ARG A 21 -5.14 5.01 -23.68
N SER A 22 -5.79 5.76 -24.57
CA SER A 22 -6.15 7.14 -24.30
C SER A 22 -7.27 7.23 -23.26
N GLU A 23 -8.14 6.21 -23.26
CA GLU A 23 -9.24 6.13 -22.30
C GLU A 23 -8.71 5.93 -20.87
N THR A 24 -7.82 4.96 -20.71
CA THR A 24 -7.22 4.64 -19.41
C THR A 24 -6.33 5.77 -18.89
N ALA A 25 -5.65 6.47 -19.80
CA ALA A 25 -4.85 7.65 -19.45
C ALA A 25 -5.72 8.85 -19.09
N GLU A 26 -6.86 8.98 -19.76
CA GLU A 26 -7.83 10.04 -19.44
C GLU A 26 -8.39 9.91 -18.02
N LEU A 27 -8.70 8.67 -17.63
CA LEU A 27 -9.29 8.40 -16.32
C LEU A 27 -8.32 8.79 -15.21
N ARG A 28 -7.04 8.43 -15.38
CA ARG A 28 -5.98 8.78 -14.44
C ARG A 28 -5.97 10.27 -14.13
N ALA A 29 -5.99 11.09 -15.18
CA ALA A 29 -6.00 12.54 -15.03
C ALA A 29 -7.21 13.03 -14.23
N GLU A 30 -8.35 12.37 -14.42
CA GLU A 30 -9.57 12.71 -13.68
C GLU A 30 -9.45 12.34 -12.20
N LEU A 31 -8.89 11.17 -11.92
CA LEU A 31 -8.71 10.70 -10.54
C LEU A 31 -7.65 11.50 -9.78
N VAL A 32 -6.58 11.90 -10.49
CA VAL A 32 -5.57 12.79 -9.92
C VAL A 32 -6.21 14.12 -9.52
N GLU A 33 -7.13 14.60 -10.35
CA GLU A 33 -7.83 15.85 -10.07
C GLU A 33 -8.81 15.72 -8.89
N ARG A 34 -9.37 14.51 -8.71
CA ARG A 34 -10.21 14.23 -7.54
C ARG A 34 -9.41 14.31 -6.25
N VAL A 35 -8.17 13.83 -6.27
CA VAL A 35 -7.30 13.88 -5.11
C VAL A 35 -7.07 15.34 -4.70
N HIS A 36 -6.87 16.20 -5.69
CA HIS A 36 -6.71 17.64 -5.45
C HIS A 36 -8.01 18.28 -4.95
N LYS A 37 -9.15 17.78 -5.43
CA LYS A 37 -10.46 18.27 -5.03
C LYS A 37 -10.75 17.95 -3.56
N PHE A 38 -10.56 16.68 -3.19
CA PHE A 38 -10.80 16.21 -1.83
C PHE A 38 -9.59 16.36 -0.90
N GLY A 39 -8.43 16.68 -1.48
CA GLY A 39 -7.18 16.83 -0.73
C GLY A 39 -7.27 17.71 0.51
N PRO A 40 -7.86 18.91 0.39
CA PRO A 40 -8.05 19.81 1.53
C PRO A 40 -8.78 19.20 2.72
N VAL A 41 -9.72 18.30 2.47
CA VAL A 41 -10.41 17.59 3.56
C VAL A 41 -9.45 16.65 4.28
N PHE A 42 -8.66 15.90 3.52
CA PHE A 42 -7.65 15.00 4.10
C PHE A 42 -6.62 15.80 4.89
N ALA A 43 -6.18 16.92 4.32
CA ALA A 43 -5.20 17.81 4.98
C ALA A 43 -5.76 18.38 6.29
N ASP A 44 -7.04 18.74 6.28
CA ASP A 44 -7.71 19.30 7.46
C ASP A 44 -7.79 18.32 8.64
N GLY A 45 -7.86 17.02 8.34
CA GLY A 45 -7.98 15.99 9.37
C GLY A 45 -6.66 15.43 9.88
N VAL A 46 -5.55 16.00 9.44
CA VAL A 46 -4.22 15.50 9.80
C VAL A 46 -3.96 15.60 11.31
N ALA A 47 -4.27 16.76 11.89
CA ALA A 47 -4.03 17.01 13.32
C ALA A 47 -4.80 16.03 14.20
N GLU A 48 -6.07 15.82 13.88
CA GLU A 48 -6.92 14.90 14.63
C GLU A 48 -6.44 13.45 14.47
N GLY A 49 -6.11 13.06 13.25
CA GLY A 49 -5.58 11.73 12.98
C GLY A 49 -4.29 11.44 13.74
N GLU A 50 -3.46 12.47 13.89
CA GLU A 50 -2.21 12.38 14.65
C GLU A 50 -2.50 12.16 16.14
N ARG A 51 -3.53 12.84 16.65
CA ARG A 51 -3.96 12.70 18.04
C ARG A 51 -4.62 11.35 18.32
N GLU A 52 -5.63 11.03 17.51
CA GLU A 52 -6.52 9.89 17.77
C GLU A 52 -6.00 8.55 17.23
N ARG A 53 -4.99 8.59 16.37
CA ARG A 53 -4.44 7.39 15.73
C ARG A 53 -5.52 6.68 14.90
N ARG A 54 -6.31 7.47 14.19
CA ARG A 54 -7.48 6.99 13.45
C ARG A 54 -7.85 8.07 12.42
N LEU A 55 -8.34 7.64 11.26
CA LEU A 55 -8.78 8.59 10.24
C LEU A 55 -10.08 9.27 10.69
N PRO A 56 -10.13 10.62 10.65
CA PRO A 56 -11.37 11.34 10.98
C PRO A 56 -12.55 10.95 10.10
N ASP A 57 -13.76 11.19 10.59
CA ASP A 57 -14.99 10.84 9.87
C ASP A 57 -15.09 11.57 8.52
N ALA A 58 -14.65 12.83 8.50
CA ALA A 58 -14.66 13.62 7.26
C ALA A 58 -13.74 13.03 6.20
N THR A 59 -12.61 12.48 6.63
CA THR A 59 -11.67 11.80 5.74
C THR A 59 -12.29 10.52 5.15
N VAL A 60 -12.95 9.74 6.00
CA VAL A 60 -13.59 8.50 5.55
C VAL A 60 -14.74 8.80 4.58
N ARG A 61 -15.51 9.85 4.88
CA ARG A 61 -16.57 10.31 3.98
C ARG A 61 -16.03 10.72 2.61
N ALA A 62 -14.89 11.43 2.62
CA ALA A 62 -14.23 11.86 1.39
C ALA A 62 -13.70 10.68 0.57
N ILE A 63 -13.14 9.68 1.26
CA ILE A 63 -12.66 8.46 0.59
C ILE A 63 -13.82 7.74 -0.11
N ASP A 64 -14.97 7.68 0.57
CA ASP A 64 -16.16 7.05 0.00
C ASP A 64 -16.77 7.88 -1.14
N GLN A 65 -16.83 9.19 -0.96
CA GLN A 65 -17.36 10.10 -2.00
C GLN A 65 -16.48 10.14 -3.25
N SER A 66 -15.16 10.14 -3.05
CA SER A 66 -14.20 10.25 -4.15
C SER A 66 -14.06 8.97 -4.99
N GLN A 67 -14.52 7.84 -4.43
CA GLN A 67 -14.36 6.52 -5.05
C GLN A 67 -12.90 6.06 -5.13
N LEU A 68 -12.03 6.65 -4.31
CA LEU A 68 -10.59 6.34 -4.37
C LEU A 68 -10.23 4.97 -3.79
N ALA A 69 -11.16 4.37 -3.03
CA ALA A 69 -11.02 3.00 -2.57
C ALA A 69 -11.52 1.97 -3.60
N MET A 70 -12.05 2.46 -4.72
CA MET A 70 -12.70 1.60 -5.72
C MET A 70 -11.90 1.47 -7.02
N LEU A 71 -10.67 1.96 -7.05
CA LEU A 71 -9.84 1.90 -8.26
C LEU A 71 -9.60 0.48 -8.77
N TRP A 72 -9.42 -0.45 -7.83
CA TRP A 72 -9.20 -1.86 -8.19
C TRP A 72 -10.41 -2.75 -7.89
N THR A 73 -11.60 -2.15 -7.82
CA THR A 73 -12.85 -2.89 -7.72
C THR A 73 -13.40 -3.12 -9.12
N ALA A 74 -14.03 -4.27 -9.34
CA ALA A 74 -14.54 -4.64 -10.67
C ALA A 74 -15.63 -3.71 -11.16
N LYS A 75 -15.68 -3.51 -12.48
CA LYS A 75 -16.67 -2.64 -13.11
C LYS A 75 -18.08 -3.24 -13.01
N SER A 76 -18.14 -4.58 -12.97
CA SER A 76 -19.41 -5.29 -12.80
C SER A 76 -20.07 -5.03 -11.45
N TYR A 77 -19.29 -4.67 -10.44
CA TYR A 77 -19.81 -4.27 -9.13
C TYR A 77 -19.87 -2.74 -8.96
N GLY A 78 -19.73 -2.01 -10.06
CA GLY A 78 -19.74 -0.54 -10.02
C GLY A 78 -18.41 0.08 -9.61
N GLY A 79 -17.34 -0.69 -9.71
CA GLY A 79 -15.99 -0.19 -9.43
C GLY A 79 -15.39 0.49 -10.63
N LEU A 80 -14.28 1.20 -10.41
CA LEU A 80 -13.59 1.92 -11.48
C LEU A 80 -12.73 1.00 -12.35
N GLU A 81 -12.15 -0.03 -11.75
CA GLU A 81 -11.39 -1.05 -12.48
C GLU A 81 -10.27 -0.43 -13.34
N THR A 82 -9.31 0.21 -12.68
CA THR A 82 -8.20 0.88 -13.35
C THR A 82 -7.02 -0.10 -13.51
N ASP A 83 -5.79 0.42 -13.54
CA ASP A 83 -4.59 -0.41 -13.61
C ASP A 83 -3.58 0.00 -12.53
N VAL A 84 -2.42 -0.65 -12.51
CA VAL A 84 -1.42 -0.42 -11.46
C VAL A 84 -0.85 0.99 -11.52
N ARG A 85 -0.54 1.44 -12.73
CA ARG A 85 0.02 2.78 -12.95
C ARG A 85 -0.89 3.88 -12.43
N THR A 86 -2.19 3.73 -12.65
CA THR A 86 -3.18 4.73 -12.24
C THR A 86 -3.27 4.82 -10.72
N MET A 87 -3.37 3.67 -10.06
CA MET A 87 -3.38 3.62 -8.60
C MET A 87 -2.10 4.20 -8.01
N SER A 88 -0.97 3.91 -8.67
CA SER A 88 0.34 4.41 -8.23
C SER A 88 0.41 5.94 -8.27
N GLU A 89 0.00 6.53 -9.40
CA GLU A 89 0.03 7.99 -9.55
C GLU A 89 -0.93 8.68 -8.58
N VAL A 90 -2.08 8.06 -8.34
CA VAL A 90 -3.05 8.57 -7.37
C VAL A 90 -2.46 8.53 -5.95
N ALA A 91 -1.78 7.43 -5.63
CA ALA A 91 -1.15 7.26 -4.32
C ALA A 91 -0.12 8.34 -4.03
N LYS A 92 0.69 8.68 -5.03
CA LYS A 92 1.75 9.67 -4.87
C LYS A 92 1.19 11.06 -4.56
N VAL A 93 0.14 11.44 -5.27
CA VAL A 93 -0.49 12.76 -5.06
C VAL A 93 -1.23 12.81 -3.72
N LEU A 94 -1.87 11.71 -3.35
CA LEU A 94 -2.57 11.63 -2.05
C LEU A 94 -1.65 11.86 -0.86
N SER A 95 -0.42 11.36 -0.95
CA SER A 95 0.56 11.50 0.13
C SER A 95 0.94 12.95 0.44
N HIS A 96 0.80 13.83 -0.53
CA HIS A 96 1.03 15.26 -0.33
C HIS A 96 0.10 15.84 0.73
N TYR A 97 -1.16 15.40 0.72
CA TYR A 97 -2.18 15.91 1.64
C TYR A 97 -2.18 15.16 2.97
N CYS A 98 -2.21 13.82 2.90
CA CYS A 98 -2.12 12.98 4.10
C CYS A 98 -1.55 11.60 3.75
N PRO A 99 -0.31 11.31 4.19
CA PRO A 99 0.31 10.00 3.96
C PRO A 99 -0.46 8.82 4.54
N SER A 100 -1.06 9.01 5.72
CA SER A 100 -1.86 7.95 6.35
C SER A 100 -3.08 7.61 5.51
N THR A 101 -3.78 8.63 5.01
CA THR A 101 -4.90 8.43 4.12
C THR A 101 -4.47 7.66 2.87
N SER A 102 -3.36 8.10 2.27
CA SER A 102 -2.81 7.44 1.08
C SER A 102 -2.47 5.99 1.36
N TRP A 103 -1.87 5.72 2.52
CA TRP A 103 -1.51 4.36 2.91
C TRP A 103 -2.74 3.47 3.08
N VAL A 104 -3.77 4.01 3.73
CA VAL A 104 -5.01 3.26 3.94
C VAL A 104 -5.74 2.99 2.62
N VAL A 105 -5.88 4.02 1.79
CA VAL A 105 -6.57 3.91 0.51
C VAL A 105 -5.92 2.83 -0.38
N ASN A 106 -4.60 2.83 -0.46
CA ASN A 106 -3.89 1.90 -1.31
C ASN A 106 -3.91 0.45 -0.81
N ASN A 107 -3.93 0.28 0.51
CA ASN A 107 -4.09 -1.05 1.10
C ASN A 107 -5.49 -1.61 0.84
N VAL A 108 -6.50 -0.76 0.91
CA VAL A 108 -7.88 -1.15 0.61
C VAL A 108 -7.99 -1.64 -0.84
N ASN A 109 -7.51 -0.83 -1.77
CA ASN A 109 -7.50 -1.21 -3.18
C ASN A 109 -6.75 -2.51 -3.41
N GLY A 110 -5.56 -2.62 -2.81
CA GLY A 110 -4.77 -3.84 -2.88
C GLY A 110 -5.49 -5.04 -2.30
N SER A 111 -6.14 -4.86 -1.15
CA SER A 111 -6.91 -5.93 -0.52
C SER A 111 -8.11 -6.34 -1.37
N ASN A 112 -8.81 -5.35 -1.91
CA ASN A 112 -9.94 -5.61 -2.82
C ASN A 112 -9.53 -6.39 -4.06
N LEU A 113 -8.34 -6.09 -4.59
CA LEU A 113 -7.80 -6.82 -5.73
C LEU A 113 -7.45 -8.26 -5.36
N LEU A 114 -6.85 -8.44 -4.18
CA LEU A 114 -6.51 -9.77 -3.68
C LEU A 114 -7.74 -10.63 -3.40
N ALA A 115 -8.87 -9.99 -3.13
CA ALA A 115 -10.13 -10.69 -2.90
C ALA A 115 -10.67 -11.39 -4.15
N SER A 116 -10.21 -10.99 -5.33
CA SER A 116 -10.65 -11.60 -6.59
C SER A 116 -10.18 -13.04 -6.78
N LYS A 117 -9.32 -13.53 -5.89
CA LYS A 117 -8.90 -14.94 -5.89
C LYS A 117 -9.96 -15.84 -5.25
N PHE A 118 -10.88 -15.25 -4.48
CA PHE A 118 -11.95 -16.01 -3.83
C PHE A 118 -13.05 -16.37 -4.82
N PRO A 119 -13.91 -17.34 -4.47
CA PRO A 119 -15.03 -17.72 -5.34
C PRO A 119 -16.01 -16.57 -5.58
N ARG A 120 -16.80 -16.69 -6.63
CA ARG A 120 -17.79 -15.65 -6.99
C ARG A 120 -18.77 -15.40 -5.85
N ALA A 121 -19.12 -16.47 -5.13
CA ALA A 121 -20.01 -16.39 -3.97
C ALA A 121 -19.50 -15.38 -2.93
N ALA A 122 -18.20 -15.44 -2.64
CA ALA A 122 -17.58 -14.50 -1.71
C ALA A 122 -17.58 -13.07 -2.26
N LEU A 123 -17.20 -12.93 -3.53
CA LEU A 123 -17.15 -11.62 -4.18
C LEU A 123 -18.52 -10.95 -4.27
N ASP A 124 -19.55 -11.75 -4.59
CA ASP A 124 -20.92 -11.26 -4.60
C ASP A 124 -21.36 -10.82 -3.22
N GLU A 125 -21.01 -11.59 -2.19
CA GLU A 125 -21.35 -11.25 -0.80
C GLU A 125 -20.68 -9.95 -0.35
N VAL A 126 -19.45 -9.72 -0.82
CA VAL A 126 -18.69 -8.52 -0.47
C VAL A 126 -19.12 -7.30 -1.28
N PHE A 127 -19.07 -7.43 -2.61
CA PHE A 127 -19.25 -6.29 -3.52
C PHE A 127 -20.65 -6.18 -4.12
N GLY A 128 -21.46 -7.23 -4.01
CA GLY A 128 -22.78 -7.28 -4.64
C GLY A 128 -23.65 -6.05 -4.45
N ASP A 129 -23.77 -5.59 -3.20
CA ASP A 129 -24.56 -4.41 -2.87
C ASP A 129 -23.70 -3.31 -2.25
N ALA A 130 -22.38 -3.41 -2.42
CA ALA A 130 -21.44 -2.44 -1.86
C ALA A 130 -20.30 -2.17 -2.84
N PRO A 131 -20.55 -1.31 -3.84
CA PRO A 131 -19.50 -0.90 -4.79
C PRO A 131 -18.27 -0.31 -4.10
N GLY A 132 -18.50 0.44 -3.03
CA GLY A 132 -17.42 1.04 -2.25
C GLY A 132 -16.97 0.22 -1.05
N ALA A 133 -17.11 -1.09 -1.12
CA ALA A 133 -16.67 -1.97 -0.05
C ALA A 133 -15.15 -1.87 0.14
N LYS A 134 -14.72 -1.79 1.39
CA LYS A 134 -13.30 -1.65 1.72
C LYS A 134 -12.82 -2.85 2.53
N LEU A 135 -11.75 -3.49 2.06
CA LEU A 135 -11.18 -4.67 2.72
C LEU A 135 -9.86 -4.36 3.41
N ALA A 136 -9.63 -5.02 4.54
CA ALA A 136 -8.31 -5.08 5.16
C ALA A 136 -7.66 -6.40 4.74
N SER A 137 -6.36 -6.50 4.99
CA SER A 137 -5.65 -7.75 4.78
C SER A 137 -4.32 -7.75 5.52
N VAL A 138 -4.05 -8.82 6.25
CA VAL A 138 -2.72 -9.06 6.80
C VAL A 138 -2.34 -10.49 6.40
N PHE A 139 -1.20 -10.62 5.73
CA PHE A 139 -0.80 -11.89 5.11
C PHE A 139 0.18 -12.71 5.96
N ALA A 140 0.53 -12.19 7.13
CA ALA A 140 1.27 -12.97 8.11
C ALA A 140 0.34 -14.03 8.69
N ALA A 141 0.71 -15.30 8.55
CA ALA A 141 -0.09 -16.40 9.06
C ALA A 141 -0.07 -16.42 10.59
N ALA A 142 -1.00 -15.68 11.19
CA ALA A 142 -1.01 -15.48 12.64
C ALA A 142 -2.16 -16.19 13.35
N GLY A 143 -2.81 -17.13 12.66
CA GLY A 143 -3.93 -17.87 13.22
C GLY A 143 -3.98 -19.32 12.79
N THR A 144 -4.75 -20.12 13.52
CA THR A 144 -4.95 -21.54 13.19
C THR A 144 -6.43 -21.83 12.94
N ALA A 145 -6.69 -22.66 11.94
CA ALA A 145 -8.05 -23.02 11.55
C ALA A 145 -8.23 -24.54 11.54
N VAL A 146 -9.42 -24.99 11.93
CA VAL A 146 -9.79 -26.41 11.88
C VAL A 146 -11.06 -26.57 11.07
N ARG A 147 -11.18 -27.69 10.36
CA ARG A 147 -12.39 -27.97 9.60
C ARG A 147 -13.57 -28.25 10.52
N THR A 148 -14.72 -27.65 10.18
CA THR A 148 -15.97 -27.85 10.91
C THR A 148 -17.05 -28.06 9.85
N PRO A 149 -18.21 -28.64 10.24
CA PRO A 149 -19.26 -28.80 9.22
C PRO A 149 -19.68 -27.49 8.56
N GLY A 150 -19.51 -27.41 7.25
CA GLY A 150 -19.91 -26.23 6.48
C GLY A 150 -18.82 -25.19 6.29
N GLY A 151 -17.64 -25.42 6.85
CA GLY A 151 -16.54 -24.47 6.72
C GLY A 151 -15.38 -24.72 7.68
N TYR A 152 -14.99 -23.68 8.41
CA TYR A 152 -13.86 -23.75 9.33
C TYR A 152 -14.12 -22.96 10.62
N ARG A 153 -13.44 -23.34 11.69
CA ARG A 153 -13.41 -22.55 12.93
C ARG A 153 -12.03 -21.91 13.06
N LEU A 154 -11.98 -20.59 13.12
CA LEU A 154 -10.72 -19.84 13.07
C LEU A 154 -10.41 -19.12 14.38
N THR A 155 -9.16 -19.24 14.82
CA THR A 155 -8.66 -18.55 16.01
C THR A 155 -7.29 -17.94 15.70
N GLY A 156 -7.07 -16.70 16.10
CA GLY A 156 -5.80 -16.04 15.85
C GLY A 156 -5.73 -14.58 16.29
N SER A 157 -4.56 -13.99 16.09
CA SER A 157 -4.30 -12.59 16.44
C SER A 157 -3.40 -11.96 15.38
N TRP A 158 -3.98 -11.12 14.52
CA TRP A 158 -3.28 -10.55 13.37
C TRP A 158 -2.93 -9.08 13.56
N PRO A 159 -1.64 -8.77 13.78
CA PRO A 159 -1.23 -7.37 13.96
C PRO A 159 -1.07 -6.63 12.63
N TYR A 160 -0.85 -5.32 12.71
CA TYR A 160 -0.67 -4.45 11.54
C TYR A 160 -1.86 -4.47 10.57
N GLY A 161 -3.07 -4.45 11.12
CA GLY A 161 -4.29 -4.42 10.32
C GLY A 161 -4.62 -3.02 9.87
N THR A 162 -3.92 -2.54 8.85
CA THR A 162 -4.05 -1.17 8.35
C THR A 162 -5.50 -0.80 8.00
N GLY A 163 -6.01 0.24 8.66
CA GLY A 163 -7.34 0.78 8.38
C GLY A 163 -8.50 -0.14 8.76
N ILE A 164 -8.24 -1.10 9.63
CA ILE A 164 -9.24 -2.11 10.02
C ILE A 164 -10.53 -1.48 10.58
N LEU A 165 -10.39 -0.39 11.31
CA LEU A 165 -11.55 0.29 11.93
C LEU A 165 -12.60 0.77 10.92
N HIS A 166 -12.17 1.06 9.69
CA HIS A 166 -13.08 1.59 8.66
C HIS A 166 -13.49 0.52 7.64
N ASP A 167 -12.94 -0.68 7.76
CA ASP A 167 -13.13 -1.71 6.73
C ASP A 167 -14.33 -2.62 7.00
N ASP A 168 -14.91 -3.10 5.91
CA ASP A 168 -16.11 -3.93 5.96
C ASP A 168 -15.77 -5.41 6.12
N TRP A 169 -14.65 -5.82 5.50
CA TRP A 169 -14.17 -7.20 5.57
C TRP A 169 -12.67 -7.23 5.82
N ALA A 170 -12.16 -8.43 6.10
CA ALA A 170 -10.73 -8.64 6.30
C ALA A 170 -10.27 -9.97 5.70
N ILE A 171 -9.19 -9.93 4.93
CA ILE A 171 -8.57 -11.15 4.42
C ILE A 171 -7.47 -11.57 5.40
N LEU A 172 -7.65 -12.71 6.04
CA LEU A 172 -6.71 -13.18 7.05
C LEU A 172 -6.10 -14.53 6.65
N VAL A 173 -4.78 -14.59 6.67
CA VAL A 173 -4.06 -15.83 6.36
C VAL A 173 -3.91 -16.64 7.64
N ALA A 174 -4.11 -17.95 7.54
CA ALA A 174 -4.05 -18.83 8.70
C ALA A 174 -3.50 -20.21 8.32
N ARG A 175 -3.04 -20.94 9.34
CA ARG A 175 -2.51 -22.28 9.16
C ARG A 175 -3.57 -23.30 9.54
N GLU A 176 -4.01 -24.11 8.58
CA GLU A 176 -4.98 -25.15 8.85
C GLU A 176 -4.33 -26.26 9.69
N VAL A 177 -5.10 -26.81 10.63
CA VAL A 177 -4.64 -27.94 11.44
C VAL A 177 -5.74 -29.00 11.54
N ASP A 178 -5.33 -30.22 11.86
CA ASP A 178 -6.28 -31.33 12.05
C ASP A 178 -6.74 -31.39 13.51
N ALA A 179 -7.54 -32.40 13.84
CA ALA A 179 -8.05 -32.59 15.21
C ALA A 179 -6.93 -32.68 16.25
N ASP A 180 -5.80 -33.27 15.86
CA ASP A 180 -4.63 -33.39 16.74
C ASP A 180 -3.92 -32.04 16.93
N GLY A 181 -4.04 -31.15 15.95
CA GLY A 181 -3.35 -29.87 15.96
C GLY A 181 -2.11 -29.83 15.09
N GLU A 182 -1.93 -30.88 14.27
CA GLU A 182 -0.80 -30.96 13.35
C GLU A 182 -1.07 -30.09 12.12
N PRO A 183 -0.09 -29.24 11.73
CA PRO A 183 -0.23 -28.43 10.51
C PRO A 183 -0.50 -29.26 9.25
N VAL A 184 -1.49 -28.86 8.46
CA VAL A 184 -1.84 -29.57 7.22
C VAL A 184 -1.67 -28.67 5.98
N GLY A 185 -1.97 -27.37 6.10
CA GLY A 185 -1.81 -26.44 4.99
C GLY A 185 -2.11 -25.00 5.35
N GLY A 186 -1.89 -24.10 4.39
CA GLY A 186 -2.19 -22.69 4.55
C GLY A 186 -3.54 -22.31 3.98
N LEU A 187 -4.18 -21.32 4.58
CA LEU A 187 -5.49 -20.83 4.13
C LEU A 187 -5.53 -19.31 4.08
N SER A 188 -6.34 -18.78 3.17
CA SER A 188 -6.68 -17.36 3.16
C SER A 188 -8.18 -17.25 3.36
N MET A 189 -8.60 -16.43 4.32
CA MET A 189 -9.97 -16.47 4.81
C MET A 189 -10.59 -15.08 4.88
N LEU A 190 -11.76 -14.94 4.25
CA LEU A 190 -12.47 -13.67 4.19
C LEU A 190 -13.53 -13.64 5.28
N VAL A 191 -13.44 -12.66 6.18
CA VAL A 191 -14.33 -12.58 7.34
C VAL A 191 -14.79 -11.14 7.57
N PRO A 192 -16.10 -10.94 7.82
CA PRO A 192 -16.69 -9.60 7.89
C PRO A 192 -16.39 -8.86 9.19
N ALA A 193 -16.71 -7.57 9.21
CA ALA A 193 -16.51 -6.72 10.39
C ALA A 193 -17.34 -7.19 11.59
N ARG A 194 -18.54 -7.70 11.33
CA ARG A 194 -19.42 -8.19 12.39
C ARG A 194 -18.82 -9.33 13.22
N ASP A 195 -17.96 -10.14 12.59
CA ASP A 195 -17.25 -11.24 13.27
C ASP A 195 -15.89 -10.82 13.83
N LEU A 196 -15.46 -9.60 13.52
CA LEU A 196 -14.15 -9.09 13.95
C LEU A 196 -14.21 -8.43 15.32
N THR A 197 -13.10 -8.52 16.05
CA THR A 197 -12.86 -7.70 17.24
C THR A 197 -11.44 -7.13 17.16
N VAL A 198 -11.31 -5.83 17.44
CA VAL A 198 -10.07 -5.09 17.23
C VAL A 198 -9.45 -4.67 18.56
N GLU A 199 -8.20 -5.06 18.79
CA GLU A 199 -7.44 -4.60 19.95
C GLU A 199 -6.65 -3.35 19.60
N ASP A 200 -6.64 -2.38 20.51
CA ASP A 200 -5.89 -1.14 20.33
C ASP A 200 -4.40 -1.40 20.62
N THR A 201 -3.64 -1.65 19.55
CA THR A 201 -2.20 -1.93 19.65
C THR A 201 -1.32 -0.99 18.81
N TRP A 202 -1.92 -0.06 18.07
CA TRP A 202 -1.19 0.81 17.15
C TRP A 202 -0.73 2.09 17.84
N HIS A 203 0.40 2.00 18.54
CA HIS A 203 0.99 3.14 19.23
C HIS A 203 2.36 3.43 18.65
N THR A 204 2.40 4.27 17.61
CA THR A 204 3.60 4.50 16.82
C THR A 204 3.94 5.98 16.68
N VAL A 205 5.13 6.25 16.15
CA VAL A 205 5.59 7.62 15.92
C VAL A 205 5.49 8.02 14.44
N GLY A 206 4.86 7.17 13.62
CA GLY A 206 4.60 7.48 12.22
C GLY A 206 3.43 6.68 11.69
N MET A 207 2.77 7.20 10.65
CA MET A 207 1.54 6.61 10.11
C MET A 207 0.56 6.30 11.24
N ARG A 208 0.37 7.27 12.13
CA ARG A 208 -0.48 7.07 13.31
C ARG A 208 -1.96 6.93 12.94
N ALA A 209 -2.43 7.78 12.03
CA ALA A 209 -3.83 7.78 11.63
C ALA A 209 -4.26 6.55 10.83
N THR A 210 -3.31 5.70 10.43
CA THR A 210 -3.62 4.48 9.68
C THR A 210 -4.37 3.45 10.52
N GLY A 211 -4.22 3.52 11.84
CA GLY A 211 -4.94 2.63 12.76
C GLY A 211 -4.68 1.17 12.47
N SER A 212 -3.42 0.81 12.32
CA SER A 212 -3.03 -0.57 12.01
C SER A 212 -3.07 -1.41 13.28
N HIS A 213 -4.29 -1.70 13.74
CA HIS A 213 -4.51 -2.39 15.00
C HIS A 213 -4.46 -3.92 14.81
N THR A 214 -4.57 -4.65 15.92
CA THR A 214 -4.57 -6.11 15.88
C THR A 214 -5.98 -6.66 15.74
N VAL A 215 -6.17 -7.52 14.74
CA VAL A 215 -7.43 -8.24 14.57
C VAL A 215 -7.38 -9.52 15.40
N VAL A 216 -8.42 -9.76 16.19
CA VAL A 216 -8.48 -10.93 17.06
C VAL A 216 -9.73 -11.75 16.72
N LEU A 217 -9.56 -13.07 16.70
CA LEU A 217 -10.68 -14.00 16.49
C LEU A 217 -10.55 -15.17 17.46
N ARG A 218 -11.67 -15.60 18.01
CA ARG A 218 -11.67 -16.73 18.94
C ARG A 218 -12.82 -17.68 18.61
N ASP A 219 -12.47 -18.78 17.93
CA ASP A 219 -13.43 -19.81 17.51
C ASP A 219 -14.50 -19.23 16.58
N THR A 220 -14.07 -18.43 15.62
CA THR A 220 -14.97 -17.76 14.68
C THR A 220 -15.26 -18.67 13.48
N PHE A 221 -16.54 -18.80 13.14
CA PHE A 221 -16.96 -19.63 12.01
C PHE A 221 -16.70 -18.91 10.69
N VAL A 222 -16.10 -19.62 9.74
CA VAL A 222 -15.89 -19.11 8.38
C VAL A 222 -16.33 -20.17 7.38
N PRO A 223 -17.34 -19.87 6.54
CA PRO A 223 -17.86 -20.87 5.60
C PRO A 223 -16.91 -21.19 4.44
N GLU A 224 -17.13 -22.34 3.81
CA GLU A 224 -16.29 -22.83 2.71
C GLU A 224 -16.06 -21.80 1.61
N HIS A 225 -17.13 -21.14 1.19
CA HIS A 225 -17.08 -20.22 0.05
C HIS A 225 -16.24 -18.97 0.30
N ARG A 226 -15.97 -18.66 1.57
CA ARG A 226 -15.10 -17.53 1.95
C ARG A 226 -13.74 -17.99 2.46
N VAL A 227 -13.33 -19.20 2.05
CA VAL A 227 -12.00 -19.73 2.38
C VAL A 227 -11.37 -20.32 1.13
N ILE A 228 -10.11 -19.96 0.88
CA ILE A 228 -9.32 -20.56 -0.18
C ILE A 228 -7.98 -21.02 0.37
N SER A 229 -7.28 -21.84 -0.40
CA SER A 229 -5.94 -22.28 -0.02
C SER A 229 -4.97 -21.11 -0.15
N GLY A 230 -3.91 -21.15 0.65
CA GLY A 230 -2.84 -20.15 0.56
C GLY A 230 -2.22 -20.17 -0.82
N GLU A 231 -2.14 -21.36 -1.42
CA GLU A 231 -1.64 -21.54 -2.78
C GLU A 231 -2.46 -20.75 -3.80
N LEU A 232 -3.78 -20.82 -3.69
CA LEU A 232 -4.68 -20.11 -4.61
C LEU A 232 -4.64 -18.58 -4.39
N GLN A 233 -4.38 -18.16 -3.16
CA GLN A 233 -4.29 -16.74 -2.83
C GLN A 233 -3.10 -16.05 -3.50
N ARG A 234 -1.99 -16.78 -3.66
CA ARG A 234 -0.79 -16.26 -4.32
C ARG A 234 -0.66 -16.74 -5.76
N SER A 235 -1.76 -17.27 -6.32
CA SER A 235 -1.75 -17.83 -7.67
C SER A 235 -1.67 -16.73 -8.74
N ARG A 236 -1.04 -17.06 -9.86
CA ARG A 236 -0.96 -16.18 -11.03
C ARG A 236 -1.46 -16.90 -12.29
N GLU A 237 -2.39 -17.84 -12.09
CA GLU A 237 -3.00 -18.59 -13.18
C GLU A 237 -3.92 -17.70 -14.04
N SER A 238 -4.48 -16.68 -13.42
CA SER A 238 -5.38 -15.74 -14.11
C SER A 238 -4.66 -14.80 -15.08
N ALA A 239 -3.33 -14.81 -15.06
CA ALA A 239 -2.52 -13.96 -15.93
C ALA A 239 -2.78 -14.18 -17.42
N THR A 240 -3.14 -15.41 -17.80
CA THR A 240 -3.40 -15.75 -19.19
C THR A 240 -4.89 -15.95 -19.53
N ASP A 241 -5.76 -15.69 -18.55
CA ASP A 241 -7.19 -15.91 -18.73
C ASP A 241 -7.85 -14.75 -19.49
N LEU A 242 -8.13 -14.97 -20.76
CA LEU A 242 -8.74 -13.95 -21.63
C LEU A 242 -10.17 -13.60 -21.24
N GLY A 243 -10.84 -14.48 -20.50
CA GLY A 243 -12.18 -14.23 -19.99
C GLY A 243 -12.25 -13.10 -18.98
N LEU A 244 -11.22 -12.99 -18.14
CA LEU A 244 -11.14 -11.94 -17.12
C LEU A 244 -10.73 -10.60 -17.75
N PRO A 245 -11.16 -9.48 -17.13
CA PRO A 245 -10.62 -8.17 -17.53
C PRO A 245 -9.13 -8.05 -17.16
N PRO A 246 -8.39 -7.15 -17.84
CA PRO A 246 -6.96 -6.99 -17.60
C PRO A 246 -6.54 -6.85 -16.13
N LEU A 247 -7.28 -6.06 -15.36
CA LEU A 247 -6.94 -5.81 -13.95
C LEU A 247 -6.72 -7.11 -13.17
N PHE A 248 -7.60 -8.09 -13.39
CA PHE A 248 -7.58 -9.34 -12.63
C PHE A 248 -6.63 -10.39 -13.21
N ARG A 249 -5.97 -10.04 -14.30
CA ARG A 249 -4.84 -10.82 -14.82
C ARG A 249 -3.53 -10.35 -14.16
N THR A 250 -3.57 -9.17 -13.54
CA THR A 250 -2.38 -8.59 -12.90
C THR A 250 -1.88 -9.43 -11.72
N ALA A 251 -0.55 -9.51 -11.59
CA ALA A 251 0.07 -10.14 -10.42
C ALA A 251 -0.24 -9.28 -9.20
N ALA A 252 -1.18 -9.76 -8.38
CA ALA A 252 -1.79 -8.93 -7.33
C ALA A 252 -0.86 -8.57 -6.18
N ILE A 253 -0.06 -9.54 -5.72
CA ILE A 253 0.87 -9.32 -4.61
C ILE A 253 1.95 -8.30 -4.99
N ALA A 254 2.51 -8.44 -6.19
CA ALA A 254 3.48 -7.48 -6.70
C ALA A 254 2.86 -6.11 -6.89
N ALA A 255 1.63 -6.08 -7.39
CA ALA A 255 0.90 -4.83 -7.60
C ALA A 255 0.71 -4.05 -6.29
N MET A 256 0.42 -4.79 -5.22
CA MET A 256 0.26 -4.17 -3.90
C MET A 256 1.55 -3.54 -3.40
N ALA A 257 2.67 -4.25 -3.57
CA ALA A 257 3.98 -3.73 -3.19
C ALA A 257 4.29 -2.43 -3.93
N VAL A 258 3.96 -2.38 -5.21
CA VAL A 258 4.21 -1.21 -6.06
C VAL A 258 3.44 0.02 -5.57
N VAL A 259 2.16 -0.15 -5.24
CA VAL A 259 1.33 0.97 -4.78
C VAL A 259 1.66 1.41 -3.37
N CYS A 260 2.08 0.47 -2.52
CA CYS A 260 2.60 0.81 -1.18
C CYS A 260 3.87 1.65 -1.30
N ALA A 261 4.75 1.27 -2.23
CA ALA A 261 5.96 2.03 -2.50
C ALA A 261 5.65 3.43 -3.03
N SER A 262 4.55 3.55 -3.78
CA SER A 262 4.10 4.83 -4.31
C SER A 262 3.69 5.80 -3.19
N VAL A 263 3.08 5.27 -2.13
CA VAL A 263 2.68 6.07 -0.97
C VAL A 263 3.91 6.70 -0.33
N VAL A 264 4.94 5.89 -0.11
CA VAL A 264 6.20 6.34 0.47
C VAL A 264 6.88 7.35 -0.44
N LEU A 265 6.91 7.04 -1.74
CA LEU A 265 7.49 7.92 -2.75
C LEU A 265 6.83 9.29 -2.78
N GLY A 266 5.50 9.31 -2.73
CA GLY A 266 4.73 10.54 -2.74
C GLY A 266 5.08 11.47 -1.58
N ALA A 267 5.26 10.90 -0.40
CA ALA A 267 5.67 11.66 0.78
C ALA A 267 7.05 12.29 0.57
N GLY A 268 7.96 11.52 -0.03
CA GLY A 268 9.29 12.01 -0.35
C GLY A 268 9.28 13.17 -1.34
N GLN A 269 8.40 13.09 -2.33
CA GLN A 269 8.24 14.16 -3.32
C GLN A 269 7.64 15.42 -2.69
N ALA A 270 6.67 15.23 -1.80
CA ALA A 270 6.07 16.34 -1.07
C ALA A 270 7.10 17.03 -0.17
N ALA A 271 7.98 16.24 0.42
CA ALA A 271 9.08 16.76 1.23
C ALA A 271 10.04 17.60 0.39
N ARG A 272 10.37 17.10 -0.81
CA ARG A 272 11.24 17.83 -1.74
C ARG A 272 10.60 19.17 -2.14
N ALA A 273 9.32 19.13 -2.48
CA ALA A 273 8.60 20.34 -2.89
C ALA A 273 8.61 21.40 -1.79
N LEU A 274 8.40 20.99 -0.55
CA LEU A 274 8.42 21.89 0.60
C LEU A 274 9.78 22.56 0.77
N VAL A 275 10.84 21.77 0.70
CA VAL A 275 12.21 22.28 0.86
C VAL A 275 12.55 23.30 -0.24
N VAL A 276 12.13 22.99 -1.48
CA VAL A 276 12.28 23.93 -2.58
C VAL A 276 11.48 25.20 -2.33
N GLU A 277 10.25 25.04 -1.85
CA GLU A 277 9.35 26.17 -1.62
C GLU A 277 9.88 27.12 -0.54
N LYS A 278 10.48 26.57 0.51
CA LYS A 278 10.95 27.35 1.65
C LYS A 278 12.40 27.86 1.51
N ALA A 279 13.16 27.29 0.58
CA ALA A 279 14.60 27.58 0.48
C ALA A 279 14.96 29.06 0.31
N PRO A 280 14.21 29.80 -0.52
CA PRO A 280 14.58 31.21 -0.73
C PRO A 280 14.29 32.15 0.44
N THR A 281 13.52 31.70 1.43
CA THR A 281 13.09 32.56 2.55
C THR A 281 13.78 32.23 3.88
N ARG A 282 14.83 31.40 3.84
CA ARG A 282 15.59 31.08 5.04
C ARG A 282 17.08 30.92 4.70
N GLY A 283 17.93 30.93 5.72
CA GLY A 283 19.37 30.80 5.55
C GLY A 283 19.90 29.45 6.01
N ILE A 284 21.22 29.34 6.05
CA ILE A 284 21.90 28.14 6.53
C ILE A 284 22.76 28.53 7.73
N ALA A 285 22.26 28.24 8.93
CA ALA A 285 22.96 28.58 10.16
C ALA A 285 24.19 27.68 10.34
N PRO A 286 25.31 28.24 10.85
CA PRO A 286 25.57 29.63 11.21
C PRO A 286 26.37 30.35 10.13
N SER A 287 26.14 29.98 8.87
CA SER A 287 26.97 30.47 7.76
C SER A 287 26.59 31.89 7.34
N LYS A 288 27.38 32.45 6.43
CA LYS A 288 27.10 33.76 5.85
C LYS A 288 25.93 33.73 4.86
N TYR A 289 25.50 32.53 4.47
CA TYR A 289 24.39 32.37 3.53
C TYR A 289 23.05 32.64 4.23
N THR A 290 22.55 33.86 4.08
CA THR A 290 21.26 34.26 4.63
C THR A 290 20.10 33.68 3.82
N ARG A 291 20.40 33.28 2.58
CA ARG A 291 19.44 32.62 1.70
C ARG A 291 20.03 31.28 1.30
N GLN A 292 19.26 30.20 1.44
CA GLN A 292 19.74 28.86 1.12
C GLN A 292 20.12 28.72 -0.35
N THR A 293 19.39 29.43 -1.22
CA THR A 293 19.66 29.42 -2.66
C THR A 293 20.96 30.12 -3.06
N ASP A 294 21.50 30.96 -2.18
CA ASP A 294 22.79 31.61 -2.42
C ASP A 294 23.98 30.63 -2.27
N SER A 295 23.76 29.53 -1.55
CA SER A 295 24.77 28.50 -1.39
C SER A 295 24.70 27.49 -2.53
N ARG A 296 25.73 27.46 -3.37
CA ARG A 296 25.79 26.49 -4.46
C ARG A 296 26.00 25.05 -3.95
N THR A 297 26.58 24.91 -2.76
CA THR A 297 26.67 23.62 -2.10
C THR A 297 25.28 23.08 -1.80
N PHE A 298 24.41 23.93 -1.26
CA PHE A 298 23.01 23.60 -1.00
C PHE A 298 22.28 23.24 -2.29
N VAL A 299 22.49 24.03 -3.33
CA VAL A 299 21.76 23.87 -4.60
C VAL A 299 22.16 22.59 -5.32
N SER A 300 23.47 22.36 -5.46
CA SER A 300 23.98 21.14 -6.08
C SER A 300 23.59 19.90 -5.27
N SER A 301 23.59 20.03 -3.94
CA SER A 301 23.19 18.93 -3.06
C SER A 301 21.71 18.60 -3.27
N LEU A 302 20.88 19.63 -3.43
CA LEU A 302 19.45 19.46 -3.66
C LEU A 302 19.18 18.80 -5.02
N GLY A 303 19.98 19.15 -6.02
CA GLY A 303 19.90 18.52 -7.33
C GLY A 303 20.19 17.03 -7.27
N ARG A 304 21.18 16.66 -6.44
CA ARG A 304 21.53 15.26 -6.23
C ARG A 304 20.39 14.50 -5.53
N THR A 305 19.91 15.07 -4.43
CA THR A 305 18.81 14.47 -3.67
C THR A 305 17.57 14.30 -4.53
N ALA A 306 17.28 15.29 -5.37
CA ALA A 306 16.13 15.26 -6.28
C ALA A 306 16.26 14.12 -7.30
N LEU A 307 17.46 13.92 -7.82
CA LEU A 307 17.71 12.85 -8.80
C LEU A 307 17.54 11.45 -8.22
N SER A 308 17.82 11.29 -6.93
CA SER A 308 17.58 10.02 -6.24
C SER A 308 16.08 9.74 -6.14
N ILE A 309 15.32 10.78 -5.82
CA ILE A 309 13.85 10.67 -5.77
C ILE A 309 13.30 10.41 -7.17
N ASP A 310 13.89 11.06 -8.18
CA ASP A 310 13.53 10.80 -9.58
C ASP A 310 13.81 9.35 -9.98
N ALA A 311 14.92 8.80 -9.50
CA ALA A 311 15.25 7.39 -9.74
C ALA A 311 14.23 6.46 -9.07
N ALA A 312 13.85 6.79 -7.84
CA ALA A 312 12.83 6.04 -7.11
C ALA A 312 11.50 6.08 -7.85
N GLU A 313 11.18 7.24 -8.42
CA GLU A 313 9.97 7.40 -9.24
C GLU A 313 9.99 6.49 -10.47
N MET A 314 11.14 6.41 -11.13
CA MET A 314 11.27 5.58 -12.32
C MET A 314 11.28 4.09 -11.99
N HIS A 315 11.79 3.73 -10.81
CA HIS A 315 11.71 2.34 -10.32
C HIS A 315 10.25 1.89 -10.15
N VAL A 316 9.44 2.74 -9.52
CA VAL A 316 8.03 2.43 -9.27
C VAL A 316 7.24 2.39 -10.58
N ALA A 317 7.49 3.36 -11.46
CA ALA A 317 6.80 3.43 -12.76
C ALA A 317 7.15 2.26 -13.67
N ARG A 318 8.41 1.84 -13.65
CA ARG A 318 8.87 0.69 -14.44
C ARG A 318 8.16 -0.58 -14.00
N ALA A 319 8.10 -0.80 -12.68
CA ALA A 319 7.42 -1.96 -12.12
C ALA A 319 5.92 -1.95 -12.44
N ALA A 320 5.29 -0.79 -12.29
CA ALA A 320 3.88 -0.63 -12.60
C ALA A 320 3.59 -0.91 -14.06
N THR A 321 4.44 -0.39 -14.95
CA THR A 321 4.30 -0.59 -16.39
C THR A 321 4.47 -2.06 -16.78
N ALA A 322 5.44 -2.73 -16.17
CA ALA A 322 5.67 -4.16 -16.43
C ALA A 322 4.45 -5.00 -16.07
N LEU A 323 3.86 -4.71 -14.91
CA LEU A 323 2.66 -5.40 -14.45
C LEU A 323 1.45 -5.13 -15.36
N ASP A 324 1.30 -3.87 -15.78
CA ASP A 324 0.20 -3.48 -16.66
C ASP A 324 0.33 -4.10 -18.04
N ASP A 325 1.50 -3.96 -18.65
CA ASP A 325 1.78 -4.53 -19.97
C ASP A 325 1.49 -6.03 -20.03
N ALA A 326 1.91 -6.75 -19.00
CA ALA A 326 1.65 -8.19 -18.90
C ALA A 326 0.16 -8.50 -18.75
N ALA A 327 -0.55 -7.65 -18.02
CA ALA A 327 -1.97 -7.82 -17.78
C ALA A 327 -2.79 -7.57 -19.05
N TYR A 328 -2.49 -6.49 -19.76
CA TYR A 328 -3.17 -6.16 -21.01
C TYR A 328 -2.89 -7.19 -22.11
N ASP A 329 -1.63 -7.61 -22.21
CA ASP A 329 -1.24 -8.63 -23.17
C ASP A 329 -1.71 -10.03 -22.79
N ALA A 330 -2.11 -10.20 -21.53
CA ALA A 330 -2.53 -11.49 -20.99
C ALA A 330 -1.42 -12.54 -21.04
N VAL A 331 -0.20 -12.09 -20.75
CA VAL A 331 0.96 -12.98 -20.65
C VAL A 331 1.37 -13.07 -19.19
N ALA A 332 1.88 -14.23 -18.78
CA ALA A 332 2.37 -14.42 -17.42
C ALA A 332 3.78 -13.86 -17.30
N LEU A 333 4.01 -13.07 -16.25
CA LEU A 333 5.35 -12.59 -15.94
C LEU A 333 6.16 -13.74 -15.36
N PRO A 334 7.39 -13.94 -15.88
CA PRO A 334 8.25 -14.97 -15.28
C PRO A 334 8.76 -14.54 -13.90
N ASP A 335 9.24 -15.50 -13.12
CA ASP A 335 9.75 -15.22 -11.77
C ASP A 335 10.81 -14.12 -11.76
N SER A 336 11.69 -14.14 -12.76
CA SER A 336 12.77 -13.16 -12.86
C SER A 336 12.26 -11.71 -12.88
N GLU A 337 11.17 -11.46 -13.61
CA GLU A 337 10.58 -10.14 -13.67
C GLU A 337 9.89 -9.76 -12.35
N LEU A 338 9.26 -10.75 -11.72
CA LEU A 338 8.62 -10.55 -10.42
C LEU A 338 9.65 -10.28 -9.32
N LEU A 339 10.77 -10.98 -9.37
CA LEU A 339 11.87 -10.77 -8.43
C LEU A 339 12.51 -9.39 -8.63
N ARG A 340 12.60 -8.94 -9.88
CA ARG A 340 13.11 -7.61 -10.19
C ARG A 340 12.20 -6.51 -9.63
N ILE A 341 10.89 -6.71 -9.74
CA ILE A 341 9.92 -5.75 -9.19
C ILE A 341 10.06 -5.62 -7.67
N ARG A 342 10.32 -6.74 -6.99
CA ARG A 342 10.56 -6.71 -5.55
C ARG A 342 11.84 -5.96 -5.22
N GLY A 343 12.84 -6.07 -6.09
CA GLY A 343 14.06 -5.27 -5.99
C GLY A 343 13.78 -3.78 -6.23
N ASP A 344 12.93 -3.50 -7.23
CA ASP A 344 12.58 -2.12 -7.58
C ASP A 344 11.90 -1.36 -6.43
N VAL A 345 10.89 -1.97 -5.83
CA VAL A 345 10.11 -1.29 -4.78
C VAL A 345 10.91 -1.06 -3.50
N GLY A 346 11.71 -2.06 -3.11
CA GLY A 346 12.59 -1.93 -1.95
C GLY A 346 13.66 -0.87 -2.17
N GLN A 347 14.20 -0.84 -3.38
CA GLN A 347 15.20 0.16 -3.77
C GLN A 347 14.61 1.56 -3.77
N ALA A 348 13.39 1.70 -4.28
CA ALA A 348 12.72 3.00 -4.38
C ALA A 348 12.47 3.62 -3.01
N VAL A 349 11.92 2.84 -2.08
CA VAL A 349 11.66 3.33 -0.72
C VAL A 349 12.96 3.57 0.05
N SER A 350 13.97 2.77 -0.23
CA SER A 350 15.29 2.96 0.36
C SER A 350 15.91 4.30 -0.07
N LEU A 351 15.81 4.61 -1.36
CA LEU A 351 16.25 5.89 -1.89
C LEU A 351 15.49 7.07 -1.28
N VAL A 352 14.19 6.87 -1.03
CA VAL A 352 13.36 7.93 -0.46
C VAL A 352 13.72 8.23 1.00
N THR A 353 13.95 7.19 1.81
CA THR A 353 14.33 7.39 3.21
C THR A 353 15.69 8.08 3.32
N THR A 354 16.63 7.69 2.46
CA THR A 354 17.93 8.36 2.39
C THR A 354 17.78 9.80 1.92
N ALA A 355 16.90 10.02 0.94
CA ALA A 355 16.65 11.34 0.40
C ALA A 355 16.00 12.26 1.45
N LEU A 356 15.09 11.69 2.24
CA LEU A 356 14.44 12.45 3.31
C LEU A 356 15.45 12.92 4.36
N ASP A 357 16.41 12.06 4.70
CA ASP A 357 17.49 12.44 5.61
C ASP A 357 18.28 13.62 5.05
N GLU A 358 18.54 13.59 3.75
CA GLU A 358 19.24 14.68 3.06
C GLU A 358 18.40 15.97 3.03
N LEU A 359 17.08 15.83 2.93
CA LEU A 359 16.18 16.99 2.93
C LEU A 359 16.10 17.67 4.30
N LEU A 360 16.21 16.89 5.37
CA LEU A 360 16.30 17.44 6.73
C LEU A 360 17.58 18.25 6.89
N TRP A 361 18.69 17.71 6.37
CA TRP A 361 19.96 18.43 6.35
C TRP A 361 19.86 19.73 5.56
N ALA A 362 19.10 19.70 4.46
CA ALA A 362 18.89 20.88 3.63
C ALA A 362 18.07 21.95 4.36
N HIS A 363 16.96 21.53 4.95
CA HIS A 363 16.01 22.48 5.56
C HIS A 363 16.49 23.03 6.91
N GLY A 364 17.00 22.16 7.77
CA GLY A 364 17.58 22.58 9.05
C GLY A 364 16.80 22.13 10.28
N ALA A 365 17.09 22.79 11.41
CA ALA A 365 16.49 22.43 12.70
C ALA A 365 14.97 22.62 12.76
N ALA A 366 14.44 23.54 11.96
CA ALA A 366 13.00 23.81 11.93
C ALA A 366 12.18 22.65 11.35
N SER A 367 12.86 21.71 10.69
CA SER A 367 12.23 20.51 10.14
C SER A 367 11.45 19.72 11.20
N PHE A 368 11.96 19.72 12.43
CA PHE A 368 11.44 18.84 13.49
C PHE A 368 10.38 19.49 14.37
N ALA A 369 9.96 20.70 14.04
CA ALA A 369 8.82 21.34 14.71
C ALA A 369 7.53 20.63 14.28
N GLU A 370 6.60 20.48 15.22
CA GLU A 370 5.32 19.80 14.94
C GLU A 370 4.49 20.55 13.89
N SER A 371 4.65 21.87 13.83
CA SER A 371 3.94 22.70 12.83
C SER A 371 4.47 22.49 11.41
N ASN A 372 5.68 21.94 11.29
CA ASN A 372 6.32 21.71 10.00
C ASN A 372 5.94 20.36 9.40
N PRO A 373 5.34 20.36 8.17
CA PRO A 373 4.98 19.10 7.51
C PRO A 373 6.16 18.19 7.15
N LEU A 374 7.38 18.74 7.11
CA LEU A 374 8.56 17.98 6.69
C LEU A 374 8.83 16.76 7.58
N GLN A 375 8.78 16.95 8.89
CA GLN A 375 8.92 15.82 9.84
C GLN A 375 7.74 14.85 9.74
N ARG A 376 6.58 15.35 9.33
CA ARG A 376 5.40 14.53 9.12
C ARG A 376 5.63 13.54 7.97
N TYR A 377 6.11 14.06 6.84
CA TYR A 377 6.47 13.22 5.69
C TYR A 377 7.62 12.28 6.04
N TRP A 378 8.60 12.80 6.78
CA TRP A 378 9.77 12.04 7.21
C TRP A 378 9.38 10.82 8.05
N ARG A 379 8.54 11.04 9.05
CA ARG A 379 8.12 9.97 9.97
C ARG A 379 7.20 8.95 9.30
N ASP A 380 6.24 9.43 8.51
CA ASP A 380 5.27 8.55 7.85
C ASP A 380 5.92 7.66 6.80
N ALA A 381 6.78 8.25 5.98
CA ALA A 381 7.50 7.51 4.94
C ALA A 381 8.40 6.43 5.54
N ASN A 382 9.15 6.79 6.57
CA ASN A 382 10.05 5.84 7.24
C ASN A 382 9.33 4.66 7.89
N THR A 383 8.18 4.93 8.51
CA THR A 383 7.39 3.88 9.15
C THR A 383 6.81 2.91 8.11
N ALA A 384 6.19 3.47 7.08
CA ALA A 384 5.58 2.66 6.01
C ALA A 384 6.61 1.88 5.21
N ALA A 385 7.82 2.44 5.07
CA ALA A 385 8.89 1.83 4.28
C ALA A 385 9.30 0.44 4.80
N ARG A 386 9.13 0.20 6.10
CA ARG A 386 9.53 -1.08 6.71
C ARG A 386 8.41 -2.12 6.69
N HIS A 387 7.42 -1.94 5.81
CA HIS A 387 6.45 -2.98 5.52
C HIS A 387 7.19 -4.15 4.87
N ALA A 388 6.84 -5.37 5.26
CA ALA A 388 7.54 -6.58 4.82
C ALA A 388 7.78 -6.62 3.31
N MET A 389 6.71 -6.40 2.55
CA MET A 389 6.77 -6.38 1.08
C MET A 389 7.68 -5.28 0.48
N LEU A 390 8.15 -4.35 1.31
CA LEU A 390 9.05 -3.28 0.86
C LEU A 390 10.47 -3.41 1.41
N ASN A 391 10.79 -4.55 2.02
CA ASN A 391 12.10 -4.74 2.64
C ASN A 391 13.23 -4.68 1.60
N VAL A 392 14.06 -3.65 1.71
CA VAL A 392 15.14 -3.39 0.75
C VAL A 392 16.19 -4.51 0.70
N HIS A 393 16.51 -5.08 1.86
CA HIS A 393 17.53 -6.15 1.93
C HIS A 393 17.02 -7.45 1.32
N VAL A 394 15.74 -7.74 1.54
CA VAL A 394 15.09 -8.89 0.92
C VAL A 394 15.01 -8.70 -0.60
N GLY A 395 14.65 -7.49 -1.02
CA GLY A 395 14.57 -7.16 -2.44
C GLY A 395 15.89 -7.32 -3.17
N HIS A 396 16.97 -6.87 -2.55
CA HIS A 396 18.32 -7.02 -3.12
C HIS A 396 18.68 -8.49 -3.30
N GLU A 397 18.37 -9.31 -2.31
CA GLU A 397 18.70 -10.74 -2.35
C GLU A 397 17.83 -11.49 -3.36
N LEU A 398 16.55 -11.12 -3.44
CA LEU A 398 15.63 -11.72 -4.41
C LEU A 398 16.07 -11.42 -5.84
N TYR A 399 16.35 -10.15 -6.12
CA TYR A 399 16.74 -9.72 -7.45
C TYR A 399 18.12 -10.24 -7.84
N GLY A 400 19.06 -10.17 -6.91
CA GLY A 400 20.41 -10.72 -7.13
C GLY A 400 20.37 -12.22 -7.41
N GLY A 401 19.51 -12.92 -6.66
CA GLY A 401 19.34 -14.36 -6.84
C GLY A 401 18.72 -14.76 -8.18
N SER A 402 17.93 -13.85 -8.76
CA SER A 402 17.29 -14.10 -10.05
C SER A 402 18.30 -14.24 -11.20
N PHE A 403 19.49 -13.66 -11.03
CA PHE A 403 20.55 -13.76 -12.03
C PHE A 403 21.12 -15.18 -12.12
N PHE A 404 20.98 -15.96 -11.05
CA PHE A 404 21.51 -17.34 -11.01
C PHE A 404 20.44 -18.41 -10.80
N GLY A 405 19.18 -18.01 -10.74
CA GLY A 405 18.08 -18.95 -10.55
C GLY A 405 18.06 -19.61 -9.18
N LEU A 406 18.48 -18.88 -8.15
CA LEU A 406 18.46 -19.38 -6.78
C LEU A 406 17.03 -19.44 -6.27
N ASP A 407 16.78 -20.28 -5.27
CA ASP A 407 15.45 -20.38 -4.67
C ASP A 407 15.08 -19.05 -4.02
N PRO A 408 13.89 -18.51 -4.34
CA PRO A 408 13.45 -17.27 -3.70
C PRO A 408 13.35 -17.43 -2.18
N ILE A 409 13.75 -16.40 -1.45
CA ILE A 409 13.74 -16.43 0.02
C ILE A 409 12.40 -16.02 0.63
N VAL A 410 11.41 -15.73 -0.22
CA VAL A 410 10.05 -15.39 0.22
C VAL A 410 9.07 -16.44 -0.29
N PRO A 411 7.91 -16.59 0.37
CA PRO A 411 6.96 -17.63 -0.03
C PRO A 411 6.20 -17.32 -1.32
N SER A 412 5.78 -16.07 -1.49
CA SER A 412 4.97 -15.67 -2.65
C SER A 412 5.61 -14.54 -3.45
N LEU A 413 5.31 -14.50 -4.74
CA LEU A 413 5.76 -13.44 -5.63
C LEU A 413 4.58 -12.74 -6.29
#